data_2IG8
#
_entry.id   2IG8
#
_cell.length_a   100.191
_cell.length_b   100.191
_cell.length_c   131.682
_cell.angle_alpha   90.00
_cell.angle_beta   90.00
_cell.angle_gamma   90.00
#
_symmetry.space_group_name_H-M   'P 41 2 2'
#
loop_
_entity.id
_entity.type
_entity.pdbx_description
1 polymer 'Hypothetical protein PA3499'
2 water water
#
_entity_poly.entity_id   1
_entity_poly.type   'polypeptide(L)'
_entity_poly.pdbx_seq_one_letter_code
;MTAVRRIRAAALPDLPDASWSNALLVGEELVMSGMTAHPATRQAAERGAALDAHAQALVVLGKVKALLEAAGGHVGNLYK
LNVYVTRIADKDAIGRARQEFFAGQGTFPASTLVEVSGLVFPELLVEIDAWARLDIDLANCDEA
;
_entity_poly.pdbx_strand_id   A,B,C
#
# COMPACT_ATOMS: atom_id res chain seq x y z
N MET A 1 0.30 -25.26 0.78
CA MET A 1 -0.32 -24.79 2.06
C MET A 1 0.71 -24.12 2.99
N THR A 2 0.38 -22.92 3.47
CA THR A 2 1.37 -21.98 3.97
C THR A 2 1.16 -21.66 5.45
N ALA A 3 2.25 -21.65 6.21
CA ALA A 3 2.19 -21.42 7.65
C ALA A 3 2.06 -19.93 7.93
N VAL A 4 1.24 -19.59 8.92
CA VAL A 4 1.22 -18.24 9.45
C VAL A 4 1.41 -18.28 10.95
N ARG A 5 2.23 -17.36 11.45
CA ARG A 5 2.50 -17.24 12.85
C ARG A 5 2.33 -15.77 13.28
N ARG A 6 1.60 -15.58 14.36
CA ARG A 6 1.53 -14.29 15.03
C ARG A 6 2.89 -13.93 15.62
N ILE A 7 3.42 -12.78 15.25
CA ILE A 7 4.69 -12.30 15.77
C ILE A 7 4.44 -11.14 16.72
N ARG A 8 4.87 -11.33 17.96
CA ARG A 8 4.72 -10.31 18.98
C ARG A 8 6.09 -9.83 19.45
N ALA A 9 6.30 -8.52 19.43
CA ALA A 9 7.53 -7.93 19.97
C ALA A 9 7.29 -7.62 21.46
N ALA A 10 8.25 -8.00 22.29
CA ALA A 10 8.23 -7.70 23.74
C ALA A 10 8.01 -6.21 24.04
N ALA A 11 8.70 -5.37 23.31
CA ALA A 11 8.65 -3.92 23.48
C ALA A 11 7.28 -3.32 23.08
N LEU A 12 6.50 -4.05 22.28
CA LEU A 12 5.27 -3.54 21.63
C LEU A 12 4.10 -4.47 21.87
N PRO A 13 3.64 -4.55 23.11
CA PRO A 13 2.58 -5.54 23.37
C PRO A 13 1.32 -5.27 22.53
N ASP A 14 0.76 -6.32 21.94
CA ASP A 14 -0.46 -6.21 21.16
C ASP A 14 -1.57 -6.19 22.19
N LEU A 15 -2.44 -5.21 22.08
CA LEU A 15 -3.50 -5.09 23.04
C LEU A 15 -4.69 -5.96 22.58
N PRO A 16 -5.35 -6.63 23.51
CA PRO A 16 -6.42 -7.60 23.20
C PRO A 16 -7.66 -7.04 22.51
N ASP A 17 -7.87 -5.72 22.59
CA ASP A 17 -9.03 -5.08 21.94
C ASP A 17 -8.81 -4.61 20.49
N ALA A 18 -7.56 -4.69 20.02
CA ALA A 18 -7.19 -4.21 18.70
C ALA A 18 -7.80 -5.16 17.64
N SER A 19 -8.25 -4.62 16.51
CA SER A 19 -8.74 -5.45 15.39
C SER A 19 -7.69 -5.50 14.30
N TRP A 20 -6.44 -5.57 14.73
CA TRP A 20 -5.31 -5.78 13.85
C TRP A 20 -4.20 -6.47 14.67
N SER A 21 -3.34 -7.18 13.95
CA SER A 21 -2.10 -7.76 14.46
C SER A 21 -0.91 -6.88 14.05
N ASN A 22 -0.04 -6.56 15.01
CA ASN A 22 1.20 -5.85 14.70
C ASN A 22 2.06 -6.53 13.64
N ALA A 23 2.19 -7.86 13.73
CA ALA A 23 2.95 -8.61 12.76
C ALA A 23 2.50 -10.06 12.66
N LEU A 24 2.51 -10.55 11.44
CA LEU A 24 2.18 -11.93 11.07
C LEU A 24 3.26 -12.42 10.10
N LEU A 25 3.87 -13.57 10.40
CA LEU A 25 4.85 -14.18 9.51
C LEU A 25 4.07 -15.16 8.66
N VAL A 26 4.01 -14.85 7.36
CA VAL A 26 3.18 -15.57 6.39
C VAL A 26 4.16 -16.18 5.43
N GLY A 27 4.48 -17.45 5.65
CA GLY A 27 5.59 -18.07 4.95
C GLY A 27 6.88 -17.35 5.33
N GLU A 28 7.60 -16.82 4.34
CA GLU A 28 8.79 -16.04 4.65
C GLU A 28 8.50 -14.51 4.69
N GLU A 29 7.27 -14.10 4.42
CA GLU A 29 6.91 -12.68 4.46
C GLU A 29 6.53 -12.22 5.87
N LEU A 30 7.16 -11.15 6.36
CA LEU A 30 6.74 -10.58 7.63
C LEU A 30 5.84 -9.41 7.31
N VAL A 31 4.55 -9.68 7.52
CA VAL A 31 3.47 -8.72 7.28
C VAL A 31 3.29 -7.89 8.54
N MET A 32 3.42 -6.57 8.40
CA MET A 32 3.38 -5.64 9.54
C MET A 32 2.25 -4.62 9.42
N SER A 33 1.67 -4.25 10.56
CA SER A 33 0.76 -3.11 10.64
C SER A 33 1.60 -1.84 10.55
N GLY A 34 0.95 -0.75 10.18
CA GLY A 34 1.59 0.55 10.15
C GLY A 34 2.06 0.89 11.56
N MET A 35 3.28 1.41 11.65
CA MET A 35 3.87 1.76 12.93
C MET A 35 3.95 3.28 13.07
N THR A 36 3.71 3.75 14.30
CA THR A 36 3.73 5.16 14.67
C THR A 36 4.58 5.36 15.94
N ALA A 37 4.89 6.62 16.26
CA ALA A 37 5.62 6.96 17.49
C ALA A 37 4.71 7.20 18.72
N HIS A 38 3.44 6.77 18.64
CA HIS A 38 2.54 6.83 19.79
C HIS A 38 2.72 5.55 20.61
N PRO A 39 2.70 5.66 21.96
CA PRO A 39 2.41 6.81 22.79
C PRO A 39 3.59 7.68 23.24
N ALA A 40 4.82 7.39 22.84
CA ALA A 40 5.94 8.31 23.13
C ALA A 40 5.63 9.76 22.73
N THR A 41 4.98 9.94 21.58
CA THR A 41 4.58 11.26 21.09
C THR A 41 3.61 12.00 22.00
N ARG A 42 2.67 11.28 22.63
CA ARG A 42 1.72 11.88 23.56
C ARG A 42 2.42 12.37 24.83
N GLN A 43 3.28 11.53 25.39
CA GLN A 43 4.00 11.90 26.57
C GLN A 43 4.88 13.13 26.28
N ALA A 44 5.56 13.11 25.13
CA ALA A 44 6.48 14.19 24.76
C ALA A 44 5.71 15.51 24.63
N ALA A 45 4.61 15.47 23.89
CA ALA A 45 3.75 16.64 23.71
C ALA A 45 3.25 17.14 25.06
N GLU A 46 2.77 16.24 25.91
CA GLU A 46 2.27 16.63 27.23
C GLU A 46 3.32 17.28 28.12
N ARG A 47 4.57 16.84 27.99
CA ARG A 47 5.65 17.39 28.79
C ARG A 47 6.26 18.66 28.16
N GLY A 48 5.73 19.08 27.02
CA GLY A 48 6.13 20.35 26.40
C GLY A 48 7.33 20.24 25.47
N ALA A 49 7.55 19.06 24.89
CA ALA A 49 8.68 18.84 23.99
C ALA A 49 8.33 17.79 22.93
N ALA A 50 7.39 18.12 22.05
CA ALA A 50 6.88 17.17 21.08
C ALA A 50 7.99 16.67 20.16
N LEU A 51 7.88 15.40 19.76
CA LEU A 51 8.85 14.78 18.88
C LEU A 51 8.70 15.36 17.46
N ASP A 52 9.81 15.82 16.88
CA ASP A 52 9.80 16.27 15.49
C ASP A 52 9.76 15.05 14.55
N ALA A 53 9.64 15.30 13.25
CA ALA A 53 9.45 14.20 12.30
C ALA A 53 10.64 13.27 12.24
N HIS A 54 11.84 13.83 12.44
CA HIS A 54 13.06 13.03 12.51
C HIS A 54 13.00 12.06 13.70
N ALA A 55 12.69 12.57 14.88
CA ALA A 55 12.60 11.74 16.08
C ALA A 55 11.52 10.68 15.95
N GLN A 56 10.35 11.09 15.44
CA GLN A 56 9.24 10.17 15.24
C GLN A 56 9.59 9.08 14.22
N ALA A 57 10.30 9.43 13.14
CA ALA A 57 10.69 8.44 12.13
C ALA A 57 11.64 7.38 12.70
N LEU A 58 12.59 7.80 13.53
CA LEU A 58 13.48 6.86 14.22
C LEU A 58 12.71 5.95 15.20
N VAL A 59 11.77 6.53 15.94
CA VAL A 59 10.92 5.70 16.83
C VAL A 59 10.18 4.65 16.03
N VAL A 60 9.58 5.09 14.92
CA VAL A 60 8.85 4.21 14.03
C VAL A 60 9.70 3.09 13.45
N LEU A 61 10.84 3.45 12.88
CA LEU A 61 11.75 2.44 12.35
C LEU A 61 12.27 1.48 13.46
N GLY A 62 12.42 2.00 14.67
CA GLY A 62 12.80 1.14 15.82
C GLY A 62 11.76 0.06 16.12
N LYS A 63 10.49 0.42 15.97
CA LYS A 63 9.39 -0.52 16.17
C LYS A 63 9.41 -1.56 15.06
N VAL A 64 9.65 -1.14 13.81
CA VAL A 64 9.72 -2.08 12.69
C VAL A 64 10.85 -3.10 12.97
N LYS A 65 11.99 -2.58 13.41
CA LYS A 65 13.15 -3.42 13.80
C LYS A 65 12.79 -4.40 14.92
N ALA A 66 12.05 -3.94 15.91
CA ALA A 66 11.62 -4.83 17.02
C ALA A 66 10.75 -5.99 16.49
N LEU A 67 9.83 -5.71 15.58
CA LEU A 67 9.01 -6.78 14.99
C LEU A 67 9.83 -7.77 14.18
N LEU A 68 10.76 -7.26 13.37
CA LEU A 68 11.63 -8.10 12.56
C LEU A 68 12.43 -9.04 13.44
N GLU A 69 13.03 -8.48 14.48
CA GLU A 69 13.84 -9.27 15.41
C GLU A 69 13.01 -10.30 16.15
N ALA A 70 11.77 -9.96 16.46
CA ALA A 70 10.89 -10.87 17.17
C ALA A 70 10.59 -12.08 16.25
N ALA A 71 10.69 -11.87 14.94
CA ALA A 71 10.52 -12.93 13.95
C ALA A 71 11.82 -13.68 13.61
N GLY A 72 12.91 -13.28 14.25
CA GLY A 72 14.22 -13.84 14.00
C GLY A 72 14.92 -13.15 12.85
N GLY A 73 14.37 -12.02 12.41
CA GLY A 73 14.91 -11.29 11.28
C GLY A 73 15.78 -10.11 11.68
N HIS A 74 16.01 -9.23 10.71
CA HIS A 74 16.87 -8.07 10.84
C HIS A 74 16.50 -7.05 9.76
N VAL A 75 17.10 -5.88 9.86
CA VAL A 75 16.74 -4.68 9.08
C VAL A 75 16.97 -4.87 7.57
N GLY A 76 17.93 -5.72 7.24
CA GLY A 76 18.18 -6.17 5.87
C GLY A 76 17.06 -6.92 5.16
N ASN A 77 16.09 -7.42 5.91
CA ASN A 77 14.91 -8.10 5.35
C ASN A 77 13.89 -7.15 4.73
N LEU A 78 13.99 -5.86 5.06
CA LEU A 78 13.07 -4.85 4.54
C LEU A 78 13.30 -4.61 3.04
N TYR A 79 12.22 -4.62 2.25
CA TYR A 79 12.32 -4.32 0.82
C TYR A 79 11.46 -3.12 0.40
N LYS A 80 10.47 -2.75 1.19
CA LYS A 80 9.66 -1.57 0.85
C LYS A 80 9.16 -0.87 2.10
N LEU A 81 9.20 0.47 2.05
CA LEU A 81 8.64 1.33 3.08
C LEU A 81 7.62 2.30 2.47
N ASN A 82 6.37 2.17 2.87
CA ASN A 82 5.32 3.15 2.55
C ASN A 82 5.21 4.14 3.70
N VAL A 83 5.56 5.40 3.43
CA VAL A 83 5.60 6.46 4.42
C VAL A 83 4.46 7.44 4.20
N TYR A 84 3.70 7.69 5.26
CA TYR A 84 2.61 8.64 5.24
C TYR A 84 2.93 9.76 6.22
N VAL A 85 2.99 10.98 5.71
CA VAL A 85 3.36 12.13 6.54
C VAL A 85 2.20 13.09 6.57
N THR A 86 2.12 13.92 7.60
CA THR A 86 1.09 14.95 7.68
C THR A 86 1.58 16.27 7.12
N ARG A 87 2.90 16.41 6.97
CA ARG A 87 3.51 17.59 6.36
C ARG A 87 4.59 17.18 5.38
N ILE A 88 4.36 17.44 4.11
CA ILE A 88 5.32 17.01 3.09
C ILE A 88 6.71 17.63 3.29
N ALA A 89 6.79 18.81 3.90
CA ALA A 89 8.07 19.44 4.23
C ALA A 89 8.95 18.57 5.13
N ASP A 90 8.37 17.59 5.79
CA ASP A 90 9.14 16.67 6.65
C ASP A 90 9.86 15.55 5.89
N LYS A 91 9.67 15.46 4.58
CA LYS A 91 10.28 14.36 3.79
C LYS A 91 11.79 14.23 3.97
N ASP A 92 12.48 15.36 4.14
CA ASP A 92 13.93 15.36 4.30
C ASP A 92 14.36 14.85 5.69
N ALA A 93 13.66 15.31 6.74
CA ALA A 93 13.78 14.73 8.09
C ALA A 93 13.64 13.20 8.09
N ILE A 94 12.65 12.70 7.37
CA ILE A 94 12.42 11.24 7.28
C ILE A 94 13.61 10.59 6.57
N GLY A 95 14.09 11.25 5.51
CA GLY A 95 15.29 10.79 4.81
C GLY A 95 16.52 10.71 5.70
N ARG A 96 16.76 11.77 6.47
CA ARG A 96 17.84 11.78 7.47
C ARG A 96 17.73 10.55 8.41
N ALA A 97 16.52 10.30 8.90
CA ALA A 97 16.24 9.16 9.76
C ALA A 97 16.57 7.83 9.08
N ARG A 98 16.21 7.69 7.80
CA ARG A 98 16.48 6.45 7.07
C ARG A 98 17.98 6.24 6.87
N GLN A 99 18.69 7.32 6.55
CA GLN A 99 20.15 7.27 6.38
C GLN A 99 20.83 6.74 7.64
N GLU A 100 20.36 7.20 8.78
CA GLU A 100 20.85 6.73 10.08
C GLU A 100 20.50 5.28 10.34
N PHE A 101 19.22 4.95 10.16
CA PHE A 101 18.72 3.63 10.46
C PHE A 101 19.40 2.57 9.61
N PHE A 102 19.65 2.90 8.34
CA PHE A 102 20.24 1.96 7.42
C PHE A 102 21.74 2.20 7.24
N ALA A 103 22.36 2.90 8.19
CA ALA A 103 23.81 3.19 8.16
C ALA A 103 24.65 1.97 7.83
N GLY A 104 24.26 0.78 8.32
CA GLY A 104 24.78 -0.50 7.76
C GLY A 104 25.29 -0.11 6.39
N GLN A 105 24.43 -0.01 5.39
CA GLN A 105 23.75 -1.11 4.73
C GLN A 105 23.94 -0.46 3.36
N GLY A 106 24.25 -1.24 2.33
CA GLY A 106 24.55 -0.63 1.02
C GLY A 106 23.33 -0.07 0.31
N THR A 107 22.26 -0.83 0.37
CA THR A 107 21.13 -0.66 -0.50
C THR A 107 19.92 -0.37 0.36
N PHE A 108 19.12 0.61 -0.05
CA PHE A 108 17.92 0.99 0.70
C PHE A 108 16.70 0.25 0.15
N PRO A 109 15.70 0.01 1.00
CA PRO A 109 14.42 -0.47 0.50
C PRO A 109 13.78 0.51 -0.50
N ALA A 110 12.87 0.00 -1.31
CA ALA A 110 12.03 0.87 -2.11
C ALA A 110 11.13 1.68 -1.19
N SER A 111 10.61 2.78 -1.72
CA SER A 111 9.78 3.66 -0.93
C SER A 111 8.74 4.42 -1.71
N THR A 112 7.59 4.64 -1.06
CA THR A 112 6.63 5.65 -1.48
C THR A 112 6.30 6.54 -0.27
N LEU A 113 6.35 7.86 -0.47
CA LEU A 113 6.06 8.83 0.58
C LEU A 113 5.05 9.84 0.07
N VAL A 114 3.92 9.92 0.76
CA VAL A 114 2.86 10.86 0.44
C VAL A 114 2.37 11.58 1.69
N GLU A 115 1.78 12.76 1.48
CA GLU A 115 1.20 13.54 2.56
C GLU A 115 -0.29 13.19 2.67
N VAL A 116 -0.66 12.68 3.82
CA VAL A 116 -2.05 12.39 4.13
C VAL A 116 -2.65 13.53 4.93
N SER A 117 -3.98 13.53 4.97
CA SER A 117 -4.76 14.53 5.65
C SER A 117 -4.78 14.33 7.17
N GLY A 118 -4.58 13.10 7.61
CA GLY A 118 -4.60 12.82 9.03
C GLY A 118 -4.07 11.44 9.38
N LEU A 119 -3.53 11.36 10.60
CA LEU A 119 -3.09 10.12 11.21
C LEU A 119 -3.90 9.85 12.47
N VAL A 120 -3.82 8.62 12.99
CA VAL A 120 -4.74 8.13 14.03
C VAL A 120 -4.69 8.87 15.38
N PHE A 121 -3.58 9.58 15.66
CA PHE A 121 -3.49 10.49 16.80
C PHE A 121 -2.94 11.83 16.35
N PRO A 122 -3.41 12.92 16.95
CA PRO A 122 -3.10 14.27 16.52
C PRO A 122 -1.64 14.70 16.70
N GLU A 123 -0.88 14.00 17.55
CA GLU A 123 0.54 14.35 17.75
C GLU A 123 1.43 13.75 16.68
N LEU A 124 0.89 12.84 15.86
CA LEU A 124 1.68 12.09 14.89
C LEU A 124 2.04 12.90 13.64
N LEU A 125 3.27 12.72 13.18
CA LEU A 125 3.75 13.35 11.96
C LEU A 125 4.04 12.35 10.88
N VAL A 126 4.10 11.07 11.24
CA VAL A 126 4.46 10.02 10.30
C VAL A 126 3.96 8.63 10.75
N GLU A 127 3.64 7.80 9.77
CA GLU A 127 3.34 6.40 9.96
C GLU A 127 4.01 5.65 8.83
N ILE A 128 4.66 4.52 9.13
CA ILE A 128 5.28 3.71 8.09
C ILE A 128 4.69 2.30 8.04
N ASP A 129 4.26 1.92 6.84
CA ASP A 129 3.84 0.57 6.49
C ASP A 129 5.04 -0.12 5.84
N ALA A 130 5.60 -1.08 6.56
CA ALA A 130 6.87 -1.68 6.20
C ALA A 130 6.67 -3.09 5.66
N TRP A 131 7.45 -3.44 4.63
CA TRP A 131 7.34 -4.73 3.98
C TRP A 131 8.70 -5.40 4.04
N ALA A 132 8.69 -6.65 4.48
CA ALA A 132 9.91 -7.41 4.70
C ALA A 132 9.74 -8.91 4.44
N ARG A 133 10.86 -9.54 4.13
CA ARG A 133 10.96 -10.96 3.84
C ARG A 133 12.16 -11.54 4.56
N LEU A 134 11.99 -12.65 5.29
CA LEU A 134 13.09 -13.21 6.07
C LEU A 134 14.16 -13.95 5.23
N ASP A 135 13.89 -14.18 3.94
CA ASP A 135 14.84 -14.92 3.10
C ASP A 135 15.74 -14.02 2.23
N ILE A 136 15.68 -12.71 2.42
CA ILE A 136 16.55 -11.79 1.71
C ILE A 136 17.37 -10.98 2.71
N ASP A 137 18.45 -10.41 2.21
CA ASP A 137 19.24 -9.44 2.93
C ASP A 137 19.75 -8.39 1.94
N LEU A 138 19.24 -7.16 2.05
CA LEU A 138 19.63 -6.09 1.14
C LEU A 138 21.09 -5.72 1.31
N ALA A 139 21.69 -6.11 2.43
CA ALA A 139 23.16 -5.99 2.58
C ALA A 139 23.95 -6.83 1.55
N ASN A 140 23.30 -7.84 0.98
CA ASN A 140 23.83 -8.70 -0.08
C ASN A 140 23.24 -8.40 -1.45
N CYS A 141 22.84 -7.17 -1.67
CA CYS A 141 22.30 -6.82 -2.94
C CYS A 141 23.40 -6.87 -4.00
N ASP A 142 23.11 -7.51 -5.13
CA ASP A 142 23.99 -7.49 -6.30
C ASP A 142 23.93 -6.12 -7.00
N MET B 1 6.95 -20.22 -13.82
CA MET B 1 5.80 -19.45 -14.34
C MET B 1 4.59 -19.56 -13.42
N THR B 2 3.95 -18.43 -13.17
CA THR B 2 2.83 -18.38 -12.26
C THR B 2 1.57 -18.07 -13.06
N ALA B 3 0.54 -18.86 -12.82
CA ALA B 3 -0.73 -18.68 -13.51
C ALA B 3 -1.44 -17.49 -12.92
N VAL B 4 -2.05 -16.68 -13.78
CA VAL B 4 -2.98 -15.66 -13.31
C VAL B 4 -4.35 -15.90 -13.92
N ARG B 5 -5.39 -15.86 -13.09
CA ARG B 5 -6.75 -15.90 -13.58
C ARG B 5 -7.59 -14.80 -12.98
N ARG B 6 -8.35 -14.16 -13.85
CA ARG B 6 -9.22 -13.10 -13.46
C ARG B 6 -10.38 -13.70 -12.69
N ILE B 7 -10.66 -13.15 -11.52
CA ILE B 7 -11.71 -13.68 -10.66
C ILE B 7 -12.89 -12.76 -10.79
N ARG B 8 -14.02 -13.31 -11.20
CA ARG B 8 -15.25 -12.53 -11.33
C ARG B 8 -16.30 -12.94 -10.32
N ALA B 9 -16.61 -12.02 -9.41
CA ALA B 9 -17.75 -12.15 -8.50
C ALA B 9 -18.99 -11.49 -9.14
N ALA B 10 -20.11 -12.20 -9.18
CA ALA B 10 -21.34 -11.70 -9.83
C ALA B 10 -21.82 -10.34 -9.31
N ALA B 11 -21.75 -10.18 -7.99
CA ALA B 11 -22.19 -8.95 -7.33
C ALA B 11 -21.24 -7.77 -7.60
N LEU B 12 -20.08 -8.06 -8.20
CA LEU B 12 -19.06 -7.06 -8.43
C LEU B 12 -18.59 -7.13 -9.86
N PRO B 13 -19.47 -6.74 -10.79
CA PRO B 13 -19.09 -6.88 -12.18
C PRO B 13 -17.92 -5.98 -12.49
N ASP B 14 -16.94 -6.53 -13.18
CA ASP B 14 -15.99 -5.69 -13.85
C ASP B 14 -16.75 -5.10 -15.03
N LEU B 15 -16.79 -3.78 -15.11
CA LEU B 15 -17.50 -3.15 -16.17
C LEU B 15 -16.47 -2.76 -17.24
N PRO B 16 -16.70 -3.20 -18.52
CA PRO B 16 -15.74 -3.03 -19.62
C PRO B 16 -15.14 -1.63 -19.86
N ASP B 17 -15.71 -0.58 -19.25
CA ASP B 17 -15.07 0.75 -19.24
C ASP B 17 -13.93 0.93 -18.21
N ALA B 18 -13.84 0.01 -17.25
CA ALA B 18 -12.89 0.14 -16.15
C ALA B 18 -11.47 -0.18 -16.66
N SER B 19 -10.47 0.53 -16.13
CA SER B 19 -9.06 0.23 -16.41
C SER B 19 -8.36 -0.47 -15.21
N TRP B 20 -9.13 -1.33 -14.54
CA TRP B 20 -8.62 -2.19 -13.48
C TRP B 20 -9.46 -3.47 -13.43
N SER B 21 -8.90 -4.48 -12.79
CA SER B 21 -9.59 -5.73 -12.49
C SER B 21 -9.93 -5.75 -11.01
N ASN B 22 -11.16 -6.11 -10.68
CA ASN B 22 -11.56 -6.18 -9.27
C ASN B 22 -10.72 -7.19 -8.50
N ALA B 23 -10.49 -8.36 -9.10
CA ALA B 23 -9.67 -9.38 -8.46
C ALA B 23 -8.89 -10.25 -9.47
N LEU B 24 -7.64 -10.53 -9.14
CA LEU B 24 -6.77 -11.39 -9.95
C LEU B 24 -6.14 -12.38 -9.01
N LEU B 25 -6.30 -13.66 -9.32
CA LEU B 25 -5.67 -14.74 -8.55
C LEU B 25 -4.33 -15.01 -9.21
N VAL B 26 -3.27 -14.75 -8.47
CA VAL B 26 -1.91 -14.82 -8.98
C VAL B 26 -1.22 -15.88 -8.15
N GLY B 27 -1.16 -17.09 -8.67
CA GLY B 27 -0.77 -18.25 -7.86
C GLY B 27 -1.81 -18.46 -6.76
N GLU B 28 -1.36 -18.39 -5.51
CA GLU B 28 -2.25 -18.49 -4.34
C GLU B 28 -2.70 -17.12 -3.85
N GLU B 29 -2.09 -16.07 -4.38
CA GLU B 29 -2.37 -14.70 -3.94
C GLU B 29 -3.61 -14.14 -4.61
N LEU B 30 -4.61 -13.71 -3.85
CA LEU B 30 -5.77 -13.00 -4.41
C LEU B 30 -5.53 -11.50 -4.35
N VAL B 31 -5.17 -10.95 -5.49
CA VAL B 31 -4.88 -9.53 -5.62
C VAL B 31 -6.20 -8.85 -5.90
N MET B 32 -6.52 -7.84 -5.12
CA MET B 32 -7.82 -7.18 -5.20
C MET B 32 -7.65 -5.69 -5.33
N SER B 33 -8.55 -5.09 -6.09
CA SER B 33 -8.68 -3.65 -6.12
C SER B 33 -9.26 -3.14 -4.82
N GLY B 34 -9.06 -1.86 -4.57
CA GLY B 34 -9.66 -1.20 -3.44
C GLY B 34 -11.17 -1.27 -3.55
N MET B 35 -11.80 -1.62 -2.44
CA MET B 35 -13.25 -1.78 -2.39
C MET B 35 -13.92 -0.66 -1.58
N THR B 36 -15.09 -0.24 -2.06
CA THR B 36 -15.86 0.81 -1.43
C THR B 36 -17.33 0.36 -1.33
N ALA B 37 -18.13 1.14 -0.59
CA ALA B 37 -19.52 0.83 -0.40
C ALA B 37 -20.45 1.43 -1.48
N HIS B 38 -19.87 1.96 -2.56
CA HIS B 38 -20.64 2.43 -3.72
C HIS B 38 -20.98 1.20 -4.59
N PRO B 39 -22.19 1.15 -5.17
CA PRO B 39 -23.29 2.12 -5.20
C PRO B 39 -24.31 2.10 -4.08
N ALA B 40 -24.17 1.19 -3.10
CA ALA B 40 -25.10 1.12 -1.97
C ALA B 40 -25.17 2.48 -1.24
N THR B 41 -24.02 3.14 -1.12
CA THR B 41 -23.91 4.46 -0.48
C THR B 41 -24.71 5.52 -1.22
N ARG B 42 -24.74 5.46 -2.55
CA ARG B 42 -25.53 6.43 -3.33
C ARG B 42 -27.02 6.22 -3.13
N GLN B 43 -27.44 4.96 -3.22
CA GLN B 43 -28.85 4.61 -2.93
C GLN B 43 -29.27 5.09 -1.51
N ALA B 44 -28.42 4.79 -0.52
CA ALA B 44 -28.69 5.11 0.87
C ALA B 44 -28.82 6.64 1.08
N ALA B 45 -27.88 7.40 0.54
CA ALA B 45 -27.88 8.86 0.70
C ALA B 45 -29.10 9.52 0.05
N GLU B 46 -29.42 9.09 -1.16
CA GLU B 46 -30.63 9.56 -1.89
C GLU B 46 -31.91 9.35 -1.12
N ARG B 47 -31.97 8.19 -0.48
CA ARG B 47 -33.06 7.78 0.35
C ARG B 47 -33.20 8.57 1.64
N GLY B 48 -32.22 9.40 1.99
CA GLY B 48 -32.20 10.08 3.28
C GLY B 48 -31.76 9.15 4.41
N ALA B 49 -30.91 8.19 4.09
CA ALA B 49 -30.46 7.19 5.05
C ALA B 49 -28.97 6.86 4.78
N ALA B 50 -28.16 7.90 4.63
CA ALA B 50 -26.72 7.77 4.32
C ALA B 50 -26.07 6.78 5.29
N LEU B 51 -25.21 5.93 4.76
CA LEU B 51 -24.50 4.93 5.57
C LEU B 51 -23.34 5.58 6.29
N ASP B 52 -23.29 5.32 7.59
CA ASP B 52 -22.16 5.79 8.40
C ASP B 52 -20.93 4.92 8.19
N ALA B 53 -19.84 5.26 8.87
CA ALA B 53 -18.54 4.61 8.59
C ALA B 53 -18.55 3.12 8.92
N HIS B 54 -19.18 2.77 10.04
CA HIS B 54 -19.31 1.38 10.45
C HIS B 54 -20.10 0.58 9.39
N ALA B 55 -21.26 1.10 8.98
CA ALA B 55 -22.06 0.44 7.95
C ALA B 55 -21.28 0.31 6.61
N GLN B 56 -20.61 1.39 6.21
CA GLN B 56 -19.83 1.37 4.99
C GLN B 56 -18.71 0.33 5.08
N ALA B 57 -18.01 0.30 6.21
CA ALA B 57 -16.87 -0.64 6.34
C ALA B 57 -17.37 -2.08 6.24
N LEU B 58 -18.53 -2.36 6.79
CA LEU B 58 -19.12 -3.70 6.67
C LEU B 58 -19.52 -4.08 5.24
N VAL B 59 -20.10 -3.14 4.50
CA VAL B 59 -20.38 -3.36 3.09
C VAL B 59 -19.09 -3.66 2.32
N VAL B 60 -18.05 -2.86 2.60
CA VAL B 60 -16.74 -3.04 1.97
C VAL B 60 -16.17 -4.42 2.27
N LEU B 61 -16.14 -4.79 3.56
CA LEU B 61 -15.67 -6.12 3.95
C LEU B 61 -16.50 -7.26 3.32
N GLY B 62 -17.83 -7.07 3.20
CA GLY B 62 -18.69 -8.00 2.44
C GLY B 62 -18.29 -8.15 0.98
N LYS B 63 -17.87 -7.06 0.34
CA LYS B 63 -17.37 -7.13 -1.03
C LYS B 63 -16.06 -7.94 -1.12
N VAL B 64 -15.13 -7.66 -0.23
CA VAL B 64 -13.90 -8.44 -0.11
C VAL B 64 -14.23 -9.94 0.04
N LYS B 65 -15.17 -10.27 0.91
CA LYS B 65 -15.59 -11.66 1.09
C LYS B 65 -16.18 -12.29 -0.17
N ALA B 66 -16.97 -11.50 -0.91
CA ALA B 66 -17.51 -11.94 -2.19
C ALA B 66 -16.39 -12.28 -3.17
N LEU B 67 -15.37 -11.44 -3.23
CA LEU B 67 -14.22 -11.73 -4.10
C LEU B 67 -13.50 -12.99 -3.65
N LEU B 68 -13.24 -13.11 -2.35
CA LEU B 68 -12.59 -14.29 -1.78
C LEU B 68 -13.35 -15.56 -2.13
N GLU B 69 -14.66 -15.53 -1.92
CA GLU B 69 -15.53 -16.66 -2.24
C GLU B 69 -15.56 -16.98 -3.74
N ALA B 70 -15.52 -15.96 -4.58
CA ALA B 70 -15.48 -16.19 -6.01
C ALA B 70 -14.21 -16.95 -6.41
N ALA B 71 -13.15 -16.79 -5.63
CA ALA B 71 -11.88 -17.50 -5.87
C ALA B 71 -11.77 -18.82 -5.10
N GLY B 72 -12.82 -19.19 -4.37
CA GLY B 72 -12.81 -20.41 -3.56
C GLY B 72 -12.16 -20.26 -2.19
N GLY B 73 -12.01 -19.02 -1.73
CA GLY B 73 -11.44 -18.73 -0.43
C GLY B 73 -12.44 -18.36 0.64
N HIS B 74 -11.95 -17.73 1.71
CA HIS B 74 -12.76 -17.34 2.85
C HIS B 74 -12.02 -16.25 3.62
N VAL B 75 -12.65 -15.68 4.65
CA VAL B 75 -12.10 -14.47 5.29
C VAL B 75 -10.81 -14.72 6.07
N GLY B 76 -10.58 -15.96 6.48
CA GLY B 76 -9.31 -16.37 7.07
C GLY B 76 -8.09 -16.21 6.18
N ASN B 77 -8.32 -16.07 4.87
CA ASN B 77 -7.25 -15.85 3.89
C ASN B 77 -6.66 -14.46 3.93
N LEU B 78 -7.38 -13.49 4.50
CA LEU B 78 -6.95 -12.10 4.59
C LEU B 78 -5.78 -11.97 5.57
N TYR B 79 -4.69 -11.33 5.15
CA TYR B 79 -3.56 -11.08 6.04
C TYR B 79 -3.20 -9.59 6.21
N LYS B 80 -3.77 -8.71 5.38
CA LYS B 80 -3.54 -7.27 5.56
C LYS B 80 -4.73 -6.49 5.02
N LEU B 81 -5.10 -5.43 5.74
CA LEU B 81 -6.14 -4.51 5.30
C LEU B 81 -5.61 -3.09 5.44
N ASN B 82 -5.40 -2.41 4.32
CA ASN B 82 -5.07 -1.00 4.37
C ASN B 82 -6.32 -0.17 4.17
N VAL B 83 -6.56 0.73 5.11
CA VAL B 83 -7.86 1.39 5.23
C VAL B 83 -7.65 2.88 5.05
N TYR B 84 -8.41 3.44 4.12
CA TYR B 84 -8.36 4.86 3.83
C TYR B 84 -9.71 5.44 4.21
N VAL B 85 -9.70 6.37 5.16
CA VAL B 85 -10.91 7.03 5.64
C VAL B 85 -10.88 8.50 5.30
N THR B 86 -12.05 9.10 5.10
CA THR B 86 -12.11 10.53 4.89
C THR B 86 -12.09 11.33 6.19
N ARG B 87 -12.42 10.67 7.30
CA ARG B 87 -12.47 11.29 8.62
C ARG B 87 -11.76 10.37 9.61
N ILE B 88 -10.63 10.83 10.13
CA ILE B 88 -9.86 10.01 11.06
C ILE B 88 -10.66 9.65 12.32
N ALA B 89 -11.62 10.48 12.69
CA ALA B 89 -12.52 10.21 13.82
C ALA B 89 -13.27 8.91 13.63
N ASP B 90 -13.38 8.42 12.40
CA ASP B 90 -14.13 7.19 12.11
C ASP B 90 -13.31 5.91 12.35
N LYS B 91 -12.07 6.05 12.81
CA LYS B 91 -11.19 4.89 12.99
C LYS B 91 -11.82 3.84 13.89
N ASP B 92 -12.52 4.27 14.95
CA ASP B 92 -13.09 3.29 15.87
C ASP B 92 -14.31 2.58 15.28
N ALA B 93 -14.98 3.22 14.32
CA ALA B 93 -16.11 2.65 13.61
C ALA B 93 -15.61 1.53 12.71
N ILE B 94 -14.47 1.74 12.05
CA ILE B 94 -13.83 0.68 11.28
C ILE B 94 -13.44 -0.47 12.24
N GLY B 95 -12.89 -0.15 13.40
CA GLY B 95 -12.63 -1.18 14.43
C GLY B 95 -13.84 -2.05 14.77
N ARG B 96 -14.99 -1.41 14.98
CA ARG B 96 -16.22 -2.11 15.30
C ARG B 96 -16.63 -3.04 14.17
N ALA B 97 -16.53 -2.55 12.93
CA ALA B 97 -16.82 -3.35 11.74
C ALA B 97 -15.94 -4.62 11.68
N ARG B 98 -14.64 -4.43 11.93
CA ARG B 98 -13.72 -5.54 11.95
C ARG B 98 -14.04 -6.54 13.06
N GLN B 99 -14.38 -6.07 14.25
CA GLN B 99 -14.72 -7.00 15.33
C GLN B 99 -15.91 -7.87 14.91
N GLU B 100 -16.88 -7.27 14.25
CA GLU B 100 -18.06 -8.03 13.84
C GLU B 100 -17.78 -8.98 12.69
N PHE B 101 -17.05 -8.51 11.68
CA PHE B 101 -16.71 -9.28 10.49
C PHE B 101 -15.82 -10.47 10.82
N PHE B 102 -14.91 -10.27 11.75
CA PHE B 102 -14.02 -11.31 12.21
C PHE B 102 -14.49 -11.94 13.52
N ALA B 103 -15.80 -11.98 13.76
CA ALA B 103 -16.34 -12.58 15.01
C ALA B 103 -15.90 -14.04 15.21
N GLY B 104 -15.63 -14.74 14.12
CA GLY B 104 -15.24 -16.14 14.15
C GLY B 104 -13.78 -16.45 14.38
N GLN B 105 -12.92 -15.44 14.56
CA GLN B 105 -11.50 -15.72 14.74
C GLN B 105 -10.89 -14.72 15.68
N GLY B 106 -9.78 -15.11 16.33
CA GLY B 106 -9.11 -14.23 17.31
C GLY B 106 -8.00 -13.39 16.73
N THR B 107 -7.41 -13.85 15.64
CA THR B 107 -6.27 -13.19 15.01
C THR B 107 -6.74 -12.36 13.84
N PHE B 108 -6.45 -11.06 13.87
CA PHE B 108 -6.83 -10.14 12.83
C PHE B 108 -5.71 -9.92 11.81
N PRO B 109 -6.08 -9.54 10.58
CA PRO B 109 -5.06 -9.10 9.64
C PRO B 109 -4.24 -7.91 10.16
N ALA B 110 -3.03 -7.76 9.63
CA ALA B 110 -2.28 -6.53 9.84
C ALA B 110 -3.06 -5.38 9.18
N SER B 111 -2.78 -4.15 9.61
CA SER B 111 -3.51 -2.99 9.09
C SER B 111 -2.74 -1.69 9.16
N THR B 112 -3.00 -0.83 8.20
CA THR B 112 -2.63 0.57 8.28
C THR B 112 -3.89 1.36 7.95
N LEU B 113 -4.18 2.38 8.74
CA LEU B 113 -5.39 3.20 8.57
C LEU B 113 -4.96 4.65 8.58
N VAL B 114 -5.25 5.38 7.50
CA VAL B 114 -4.87 6.78 7.38
C VAL B 114 -6.05 7.57 6.83
N GLU B 115 -6.05 8.86 7.12
CA GLU B 115 -7.09 9.73 6.54
C GLU B 115 -6.61 10.33 5.22
N VAL B 116 -7.34 10.06 4.16
CA VAL B 116 -7.08 10.65 2.86
C VAL B 116 -7.95 11.89 2.70
N SER B 117 -7.65 12.69 1.70
CA SER B 117 -8.40 13.92 1.52
C SER B 117 -9.59 13.69 0.59
N GLY B 118 -9.66 12.53 -0.06
CA GLY B 118 -10.80 12.25 -0.93
C GLY B 118 -10.84 10.83 -1.45
N LEU B 119 -12.06 10.35 -1.70
CA LEU B 119 -12.29 9.07 -2.35
C LEU B 119 -13.10 9.29 -3.62
N VAL B 120 -13.21 8.26 -4.45
CA VAL B 120 -13.76 8.40 -5.78
C VAL B 120 -15.23 8.81 -5.92
N PHE B 121 -16.05 8.61 -4.89
CA PHE B 121 -17.42 9.15 -4.88
C PHE B 121 -17.64 9.93 -3.60
N PRO B 122 -18.43 11.01 -3.70
CA PRO B 122 -18.56 11.93 -2.59
C PRO B 122 -19.26 11.33 -1.36
N GLU B 123 -20.06 10.28 -1.55
CA GLU B 123 -20.76 9.65 -0.42
C GLU B 123 -19.86 8.74 0.43
N LEU B 124 -18.68 8.42 -0.09
CA LEU B 124 -17.78 7.45 0.55
C LEU B 124 -17.07 8.03 1.79
N LEU B 125 -17.00 7.20 2.82
CA LEU B 125 -16.23 7.47 4.04
C LEU B 125 -15.01 6.55 4.18
N VAL B 126 -14.96 5.46 3.41
CA VAL B 126 -13.90 4.47 3.54
C VAL B 126 -13.67 3.66 2.26
N GLU B 127 -12.41 3.30 2.05
CA GLU B 127 -12.02 2.37 1.03
C GLU B 127 -10.98 1.43 1.66
N ILE B 128 -11.08 0.15 1.35
CA ILE B 128 -10.14 -0.82 1.88
C ILE B 128 -9.45 -1.59 0.79
N ASP B 129 -8.12 -1.63 0.88
CA ASP B 129 -7.27 -2.42 0.03
C ASP B 129 -6.89 -3.68 0.79
N ALA B 130 -7.41 -4.83 0.35
CA ALA B 130 -7.30 -6.10 1.09
C ALA B 130 -6.28 -7.02 0.40
N TRP B 131 -5.45 -7.66 1.23
CA TRP B 131 -4.48 -8.64 0.75
C TRP B 131 -4.84 -9.99 1.34
N ALA B 132 -4.85 -11.01 0.49
CA ALA B 132 -5.18 -12.39 0.89
C ALA B 132 -4.41 -13.43 0.09
N ARG B 133 -4.25 -14.61 0.70
CA ARG B 133 -3.70 -15.82 0.11
C ARG B 133 -4.64 -16.98 0.38
N LEU B 134 -4.91 -17.80 -0.63
CA LEU B 134 -5.84 -18.92 -0.47
C LEU B 134 -5.29 -20.10 0.34
N ASP B 135 -3.99 -20.09 0.64
CA ASP B 135 -3.34 -21.21 1.32
C ASP B 135 -2.99 -20.94 2.78
N ILE B 136 -3.63 -19.93 3.38
CA ILE B 136 -3.48 -19.64 4.80
C ILE B 136 -4.84 -19.51 5.48
N ASP B 137 -4.87 -19.66 6.80
CA ASP B 137 -6.07 -19.34 7.59
C ASP B 137 -5.64 -18.73 8.90
N LEU B 138 -5.87 -17.43 9.07
CA LEU B 138 -5.40 -16.73 10.27
C LEU B 138 -5.96 -17.28 11.59
N ALA B 139 -7.11 -17.91 11.54
CA ALA B 139 -7.69 -18.54 12.73
C ALA B 139 -6.74 -19.59 13.35
N ASN B 140 -5.87 -20.17 12.53
CA ASN B 140 -4.85 -21.09 13.02
C ASN B 140 -3.81 -20.45 13.97
N CYS B 141 -3.69 -19.13 13.94
CA CYS B 141 -2.78 -18.42 14.84
C CYS B 141 -3.31 -18.24 16.24
N ASP B 142 -4.61 -18.43 16.43
CA ASP B 142 -5.25 -18.05 17.68
C ASP B 142 -4.57 -18.80 18.82
N GLU B 143 -4.24 -18.09 19.91
CA GLU B 143 -3.54 -18.68 21.05
C GLU B 143 -4.14 -18.22 22.37
N MET C 1 17.27 -18.91 0.84
CA MET C 1 17.61 -17.50 0.53
C MET C 1 17.22 -17.13 -0.88
N THR C 2 16.74 -15.89 -1.02
CA THR C 2 16.29 -15.35 -2.27
C THR C 2 17.19 -14.18 -2.62
N ALA C 3 17.58 -14.15 -3.90
CA ALA C 3 18.51 -13.16 -4.42
C ALA C 3 17.80 -11.83 -4.53
N VAL C 4 18.50 -10.75 -4.17
CA VAL C 4 18.00 -9.41 -4.46
C VAL C 4 19.03 -8.76 -5.38
N ARG C 5 18.55 -8.24 -6.50
CA ARG C 5 19.40 -7.54 -7.45
C ARG C 5 18.82 -6.15 -7.56
N ARG C 6 19.67 -5.13 -7.44
CA ARG C 6 19.15 -3.79 -7.62
C ARG C 6 19.05 -3.50 -9.10
N ILE C 7 17.88 -3.04 -9.53
CA ILE C 7 17.63 -2.76 -10.93
C ILE C 7 17.88 -1.29 -11.19
N ARG C 8 18.61 -0.99 -12.26
CA ARG C 8 18.89 0.39 -12.61
C ARG C 8 18.47 0.75 -14.02
N ALA C 9 17.49 1.64 -14.12
CA ALA C 9 17.13 2.28 -15.37
C ALA C 9 17.97 3.55 -15.50
N ALA C 10 18.62 3.74 -16.65
CA ALA C 10 19.56 4.85 -16.82
C ALA C 10 18.91 6.23 -16.56
N ALA C 11 17.64 6.37 -16.94
CA ALA C 11 16.90 7.61 -16.75
C ALA C 11 16.46 7.87 -15.30
N LEU C 12 16.67 6.89 -14.41
CA LEU C 12 16.17 6.97 -13.03
C LEU C 12 17.23 6.53 -11.99
N PRO C 13 18.35 7.29 -11.89
CA PRO C 13 19.45 6.91 -11.01
C PRO C 13 19.10 7.16 -9.56
N ASP C 14 19.60 6.30 -8.69
CA ASP C 14 19.47 6.55 -7.27
C ASP C 14 20.62 7.47 -6.86
N LEU C 15 20.23 8.72 -6.65
CA LEU C 15 21.15 9.80 -6.40
C LEU C 15 21.63 9.81 -4.95
N PRO C 16 22.79 10.44 -4.70
CA PRO C 16 23.54 10.24 -3.43
C PRO C 16 22.76 10.54 -2.16
N ASP C 17 22.00 11.62 -2.18
CA ASP C 17 21.08 11.98 -1.07
C ASP C 17 19.92 11.00 -0.82
N ALA C 18 19.62 10.10 -1.76
CA ALA C 18 18.37 9.30 -1.65
C ALA C 18 18.44 8.13 -0.66
N SER C 19 17.42 8.02 0.20
CA SER C 19 17.34 6.91 1.13
C SER C 19 16.32 5.86 0.67
N TRP C 20 16.31 5.60 -0.65
CA TRP C 20 15.47 4.55 -1.24
C TRP C 20 16.06 4.02 -2.53
N SER C 21 15.66 2.81 -2.89
CA SER C 21 15.99 2.22 -4.19
C SER C 21 14.78 2.32 -5.11
N ASN C 22 15.01 2.76 -6.33
CA ASN C 22 13.92 2.88 -7.31
C ASN C 22 13.32 1.52 -7.66
N ALA C 23 14.17 0.50 -7.74
CA ALA C 23 13.73 -0.84 -8.13
C ALA C 23 14.65 -1.91 -7.59
N LEU C 24 14.07 -2.96 -7.00
CA LEU C 24 14.82 -4.09 -6.49
C LEU C 24 14.13 -5.36 -6.97
N LEU C 25 14.88 -6.25 -7.61
CA LEU C 25 14.33 -7.52 -8.05
C LEU C 25 14.56 -8.51 -6.94
N VAL C 26 13.47 -8.93 -6.30
CA VAL C 26 13.51 -9.81 -5.15
C VAL C 26 12.87 -11.11 -5.64
N GLY C 27 13.71 -12.07 -6.01
CA GLY C 27 13.25 -13.27 -6.70
C GLY C 27 12.60 -12.92 -8.05
N GLU C 28 11.30 -13.20 -8.17
CA GLU C 28 10.55 -12.87 -9.38
C GLU C 28 9.82 -11.53 -9.21
N GLU C 29 9.80 -11.03 -7.99
CA GLU C 29 9.05 -9.83 -7.65
C GLU C 29 9.87 -8.59 -7.96
N LEU C 30 9.35 -7.69 -8.80
CA LEU C 30 10.04 -6.42 -9.04
C LEU C 30 9.43 -5.38 -8.14
N VAL C 31 10.15 -5.04 -7.09
CA VAL C 31 9.68 -4.11 -6.06
C VAL C 31 10.09 -2.73 -6.56
N MET C 32 9.15 -1.78 -6.57
CA MET C 32 9.42 -0.47 -7.14
C MET C 32 9.07 0.64 -6.17
N SER C 33 9.84 1.73 -6.19
CA SER C 33 9.45 2.94 -5.45
C SER C 33 8.31 3.60 -6.22
N GLY C 34 7.54 4.45 -5.53
CA GLY C 34 6.51 5.26 -6.13
C GLY C 34 7.10 6.16 -7.18
N MET C 35 6.42 6.27 -8.31
CA MET C 35 6.94 7.02 -9.42
C MET C 35 6.07 8.24 -9.69
N THR C 36 6.76 9.30 -10.10
CA THR C 36 6.15 10.58 -10.40
C THR C 36 6.69 11.10 -11.71
N ALA C 37 6.04 12.15 -12.20
CA ALA C 37 6.39 12.78 -13.47
C ALA C 37 7.51 13.82 -13.33
N HIS C 38 8.05 13.96 -12.12
CA HIS C 38 9.20 14.82 -11.86
C HIS C 38 10.48 14.14 -12.37
N PRO C 39 11.41 14.92 -12.98
CA PRO C 39 11.43 16.36 -13.16
C PRO C 39 10.77 16.90 -14.42
N ALA C 40 10.24 16.04 -15.28
CA ALA C 40 9.56 16.51 -16.49
C ALA C 40 8.47 17.53 -16.16
N THR C 41 7.78 17.35 -15.03
CA THR C 41 6.75 18.30 -14.57
C THR C 41 7.33 19.66 -14.20
N ARG C 42 8.53 19.65 -13.63
CA ARG C 42 9.23 20.86 -13.21
C ARG C 42 9.58 21.72 -14.43
N GLN C 43 10.31 21.11 -15.36
CA GLN C 43 10.66 21.79 -16.61
C GLN C 43 9.41 22.31 -17.32
N ALA C 44 8.45 21.42 -17.56
CA ALA C 44 7.24 21.76 -18.31
C ALA C 44 6.42 22.91 -17.69
N ALA C 45 6.31 22.94 -16.37
CA ALA C 45 5.56 23.97 -15.66
C ALA C 45 6.32 25.29 -15.67
N GLU C 46 7.63 25.23 -15.46
CA GLU C 46 8.49 26.42 -15.49
C GLU C 46 8.43 27.11 -16.85
N ARG C 47 8.28 26.33 -17.91
CA ARG C 47 8.14 26.85 -19.27
C ARG C 47 6.70 27.26 -19.60
N GLY C 48 5.86 27.37 -18.58
CA GLY C 48 4.50 27.86 -18.74
C GLY C 48 3.51 26.88 -19.37
N ALA C 49 3.82 25.59 -19.33
CA ALA C 49 2.91 24.57 -19.86
C ALA C 49 2.86 23.31 -18.99
N ALA C 50 2.44 23.48 -17.73
CA ALA C 50 2.36 22.36 -16.78
C ALA C 50 1.69 21.14 -17.40
N LEU C 51 2.21 19.95 -17.09
CA LEU C 51 1.57 18.69 -17.47
C LEU C 51 0.24 18.47 -16.72
N ASP C 52 -0.83 18.18 -17.45
CA ASP C 52 -2.10 17.84 -16.80
C ASP C 52 -2.01 16.43 -16.24
N ALA C 53 -3.06 15.99 -15.56
CA ALA C 53 -3.01 14.70 -14.88
C ALA C 53 -2.79 13.55 -15.86
N HIS C 54 -3.43 13.66 -17.02
CA HIS C 54 -3.31 12.63 -18.06
C HIS C 54 -1.85 12.45 -18.52
N ALA C 55 -1.22 13.56 -18.87
CA ALA C 55 0.19 13.57 -19.31
C ALA C 55 1.13 13.05 -18.22
N GLN C 56 0.92 13.51 -16.99
CA GLN C 56 1.69 13.04 -15.82
C GLN C 56 1.56 11.54 -15.58
N ALA C 57 0.34 11.02 -15.67
CA ALA C 57 0.10 9.58 -15.50
C ALA C 57 0.87 8.78 -16.58
N LEU C 58 0.85 9.27 -17.81
CA LEU C 58 1.58 8.59 -18.88
C LEU C 58 3.09 8.59 -18.63
N VAL C 59 3.62 9.73 -18.18
CA VAL C 59 5.03 9.86 -17.80
C VAL C 59 5.38 8.90 -16.65
N VAL C 60 4.49 8.83 -15.65
CA VAL C 60 4.68 7.93 -14.53
C VAL C 60 4.66 6.46 -14.99
N LEU C 61 3.65 6.08 -15.78
CA LEU C 61 3.56 4.69 -16.27
C LEU C 61 4.76 4.34 -17.18
N GLY C 62 5.27 5.34 -17.91
CA GLY C 62 6.49 5.17 -18.68
C GLY C 62 7.72 4.84 -17.83
N LYS C 63 7.83 5.49 -16.67
CA LYS C 63 8.90 5.19 -15.71
C LYS C 63 8.78 3.76 -15.20
N VAL C 64 7.56 3.34 -14.90
CA VAL C 64 7.31 1.97 -14.47
C VAL C 64 7.73 1.00 -15.57
N LYS C 65 7.42 1.32 -16.83
CA LYS C 65 7.81 0.49 -17.97
C LYS C 65 9.33 0.37 -18.07
N ALA C 66 10.02 1.49 -17.82
CA ALA C 66 11.49 1.54 -17.93
C ALA C 66 12.15 0.64 -16.87
N LEU C 67 11.61 0.71 -15.65
CA LEU C 67 12.07 -0.14 -14.56
C LEU C 67 11.85 -1.61 -14.91
N LEU C 68 10.60 -1.94 -15.30
CA LEU C 68 10.28 -3.30 -15.77
C LEU C 68 11.26 -3.80 -16.84
N GLU C 69 11.42 -3.05 -17.93
CA GLU C 69 12.32 -3.46 -19.00
C GLU C 69 13.80 -3.55 -18.55
N ALA C 70 14.19 -2.64 -17.60
CA ALA C 70 15.56 -2.68 -17.08
C ALA C 70 15.79 -3.97 -16.30
N ALA C 71 14.71 -4.54 -15.78
CA ALA C 71 14.78 -5.79 -15.02
C ALA C 71 14.53 -7.00 -15.91
N GLY C 72 14.21 -6.76 -17.19
CA GLY C 72 13.98 -7.85 -18.14
C GLY C 72 12.52 -8.22 -18.26
N GLY C 73 11.65 -7.35 -17.79
CA GLY C 73 10.21 -7.61 -17.78
C GLY C 73 9.46 -6.77 -18.79
N HIS C 74 8.14 -6.75 -18.65
CA HIS C 74 7.28 -5.99 -19.53
C HIS C 74 6.00 -5.60 -18.78
N VAL C 75 5.15 -4.82 -19.45
CA VAL C 75 3.97 -4.20 -18.85
C VAL C 75 2.97 -5.24 -18.32
N GLY C 76 2.95 -6.41 -18.97
CA GLY C 76 2.14 -7.56 -18.59
C GLY C 76 2.50 -8.17 -17.25
N ASN C 77 3.68 -7.83 -16.73
CA ASN C 77 4.10 -8.29 -15.41
C ASN C 77 3.38 -7.60 -14.25
N LEU C 78 2.78 -6.43 -14.52
CA LEU C 78 2.10 -5.64 -13.51
C LEU C 78 0.80 -6.30 -13.05
N TYR C 79 0.61 -6.40 -11.75
CA TYR C 79 -0.63 -6.96 -11.16
C TYR C 79 -1.40 -6.01 -10.26
N LYS C 80 -0.77 -4.92 -9.80
CA LYS C 80 -1.48 -3.93 -8.98
C LYS C 80 -0.83 -2.55 -9.09
N LEU C 81 -1.68 -1.53 -9.19
CA LEU C 81 -1.26 -0.15 -9.23
C LEU C 81 -1.99 0.61 -8.12
N ASN C 82 -1.23 1.19 -7.20
CA ASN C 82 -1.78 2.11 -6.20
C ASN C 82 -1.55 3.53 -6.66
N VAL C 83 -2.65 4.26 -6.90
CA VAL C 83 -2.61 5.61 -7.47
C VAL C 83 -2.98 6.64 -6.40
N TYR C 84 -2.09 7.61 -6.22
CA TYR C 84 -2.31 8.73 -5.32
C TYR C 84 -2.44 9.99 -6.15
N VAL C 85 -3.60 10.64 -6.12
CA VAL C 85 -3.82 11.90 -6.85
C VAL C 85 -3.99 13.03 -5.84
N THR C 86 -3.73 14.26 -6.28
CA THR C 86 -4.00 15.44 -5.44
C THR C 86 -5.42 16.01 -5.67
N ARG C 87 -6.05 15.60 -6.77
CA ARG C 87 -7.40 16.07 -7.11
C ARG C 87 -8.20 14.88 -7.61
N ILE C 88 -9.20 14.46 -6.84
CA ILE C 88 -9.97 13.27 -7.19
C ILE C 88 -10.69 13.43 -8.55
N ALA C 89 -11.00 14.66 -8.92
CA ALA C 89 -11.56 14.95 -10.23
C ALA C 89 -10.68 14.45 -11.39
N ASP C 90 -9.38 14.25 -11.15
CA ASP C 90 -8.46 13.75 -12.17
C ASP C 90 -8.52 12.24 -12.35
N LYS C 91 -9.42 11.56 -11.64
CA LYS C 91 -9.48 10.10 -11.74
C LYS C 91 -9.76 9.61 -13.16
N ASP C 92 -10.58 10.33 -13.89
CA ASP C 92 -10.95 9.91 -15.24
C ASP C 92 -9.78 10.02 -16.23
N ALA C 93 -8.97 11.07 -16.05
CA ALA C 93 -7.73 11.27 -16.83
C ALA C 93 -6.74 10.14 -16.57
N ILE C 94 -6.62 9.70 -15.32
CA ILE C 94 -5.78 8.56 -14.99
C ILE C 94 -6.30 7.30 -15.69
N GLY C 95 -7.62 7.11 -15.70
CA GLY C 95 -8.23 5.96 -16.40
C GLY C 95 -7.89 5.96 -17.88
N ARG C 96 -7.97 7.13 -18.49
CA ARG C 96 -7.66 7.27 -19.91
C ARG C 96 -6.19 6.95 -20.20
N ALA C 97 -5.29 7.42 -19.34
CA ALA C 97 -3.86 7.08 -19.46
C ALA C 97 -3.63 5.56 -19.37
N ARG C 98 -4.32 4.92 -18.42
CA ARG C 98 -4.25 3.47 -18.29
C ARG C 98 -4.83 2.72 -19.47
N GLN C 99 -5.92 3.20 -20.05
CA GLN C 99 -6.45 2.56 -21.26
C GLN C 99 -5.45 2.59 -22.41
N GLU C 100 -4.69 3.68 -22.51
CA GLU C 100 -3.67 3.83 -23.56
C GLU C 100 -2.43 2.98 -23.29
N PHE C 101 -1.90 3.10 -22.07
CA PHE C 101 -0.76 2.33 -21.62
C PHE C 101 -0.94 0.82 -21.74
N PHE C 102 -2.14 0.32 -21.41
CA PHE C 102 -2.44 -1.11 -21.44
C PHE C 102 -3.18 -1.51 -22.73
N ALA C 103 -3.13 -0.66 -23.76
CA ALA C 103 -3.85 -0.87 -25.00
C ALA C 103 -3.64 -2.27 -25.62
N GLY C 104 -2.46 -2.86 -25.46
CA GLY C 104 -2.29 -4.35 -25.54
C GLY C 104 -3.70 -4.92 -25.50
N GLN C 105 -4.24 -5.30 -24.36
CA GLN C 105 -3.76 -6.22 -23.34
C GLN C 105 -5.17 -6.41 -22.79
N GLY C 106 -5.67 -7.64 -22.69
CA GLY C 106 -7.09 -7.80 -22.36
C GLY C 106 -7.48 -7.47 -20.91
N THR C 107 -6.51 -7.59 -20.01
CA THR C 107 -6.77 -7.61 -18.58
C THR C 107 -5.90 -6.57 -17.86
N PHE C 108 -6.53 -5.71 -17.07
CA PHE C 108 -5.82 -4.67 -16.32
C PHE C 108 -5.37 -5.16 -14.94
N PRO C 109 -4.29 -4.58 -14.41
CA PRO C 109 -3.95 -4.83 -13.02
C PRO C 109 -5.06 -4.39 -12.07
N ALA C 110 -5.04 -4.92 -10.85
CA ALA C 110 -5.88 -4.38 -9.78
C ALA C 110 -5.44 -2.95 -9.52
N SER C 111 -6.30 -2.16 -8.92
CA SER C 111 -5.94 -0.79 -8.56
C SER C 111 -6.67 -0.23 -7.36
N THR C 112 -6.01 0.65 -6.63
CA THR C 112 -6.66 1.53 -5.65
C THR C 112 -6.29 2.99 -5.97
N LEU C 113 -7.28 3.88 -6.01
CA LEU C 113 -7.05 5.27 -6.30
C LEU C 113 -7.64 6.17 -5.23
N VAL C 114 -6.78 6.95 -4.58
CA VAL C 114 -7.22 7.87 -3.54
C VAL C 114 -6.61 9.24 -3.73
N GLU C 115 -7.31 10.24 -3.21
CA GLU C 115 -6.81 11.59 -3.19
C GLU C 115 -6.02 11.79 -1.90
N VAL C 116 -4.75 12.16 -2.05
CA VAL C 116 -3.92 12.47 -0.91
C VAL C 116 -3.84 13.98 -0.79
N SER C 117 -3.31 14.43 0.34
CA SER C 117 -3.23 15.85 0.63
C SER C 117 -2.05 16.55 -0.06
N GLY C 118 -1.01 15.80 -0.43
CA GLY C 118 0.14 16.36 -1.12
C GLY C 118 1.13 15.30 -1.56
N LEU C 119 1.94 15.64 -2.56
CA LEU C 119 3.01 14.76 -3.04
C LEU C 119 4.34 15.50 -2.88
N VAL C 120 5.45 14.80 -3.14
CA VAL C 120 6.79 15.32 -2.81
C VAL C 120 7.21 16.63 -3.49
N PHE C 121 6.63 16.94 -4.66
CA PHE C 121 6.83 18.24 -5.31
C PHE C 121 5.48 18.85 -5.67
N PRO C 122 5.37 20.18 -5.55
CA PRO C 122 4.08 20.83 -5.75
C PRO C 122 3.52 20.77 -7.18
N GLU C 123 4.35 20.52 -8.20
CA GLU C 123 3.88 20.36 -9.58
C GLU C 123 3.10 19.06 -9.81
N LEU C 124 3.26 18.11 -8.89
CA LEU C 124 2.76 16.76 -9.11
C LEU C 124 1.27 16.64 -8.84
N LEU C 125 0.59 15.90 -9.72
CA LEU C 125 -0.85 15.62 -9.60
C LEU C 125 -1.11 14.15 -9.31
N VAL C 126 -0.06 13.33 -9.43
CA VAL C 126 -0.20 11.89 -9.32
C VAL C 126 1.13 11.18 -9.01
N GLU C 127 1.03 10.16 -8.19
CA GLU C 127 2.13 9.23 -7.93
C GLU C 127 1.56 7.82 -7.97
N ILE C 128 2.29 6.89 -8.60
CA ILE C 128 1.83 5.50 -8.69
C ILE C 128 2.85 4.54 -8.05
N ASP C 129 2.38 3.76 -7.09
CA ASP C 129 3.14 2.65 -6.53
C ASP C 129 2.70 1.39 -7.30
N ALA C 130 3.62 0.82 -8.08
CA ALA C 130 3.33 -0.34 -8.93
C ALA C 130 3.90 -1.63 -8.36
N TRP C 131 3.21 -2.74 -8.61
CA TRP C 131 3.63 -4.06 -8.16
C TRP C 131 3.63 -4.97 -9.36
N ALA C 132 4.75 -5.69 -9.53
CA ALA C 132 4.92 -6.56 -10.66
C ALA C 132 5.71 -7.77 -10.28
N ARG C 133 5.49 -8.85 -11.03
CA ARG C 133 6.39 -9.96 -11.00
C ARG C 133 6.66 -10.53 -12.37
N LEU C 134 7.90 -10.97 -12.54
CA LEU C 134 8.42 -11.32 -13.85
C LEU C 134 7.93 -12.67 -14.34
N ASP C 135 7.28 -13.45 -13.47
CA ASP C 135 6.81 -14.78 -13.87
C ASP C 135 5.31 -14.85 -14.26
N ILE C 136 4.66 -13.70 -14.38
CA ILE C 136 3.27 -13.68 -14.84
C ILE C 136 3.17 -12.80 -16.08
N ASP C 137 2.06 -12.95 -16.80
CA ASP C 137 1.74 -12.09 -17.94
C ASP C 137 0.23 -11.95 -18.02
N LEU C 138 -0.28 -10.76 -17.72
CA LEU C 138 -1.72 -10.51 -17.75
C LEU C 138 -2.28 -10.60 -19.18
N ALA C 139 -1.43 -10.35 -20.17
CA ALA C 139 -1.82 -10.46 -21.58
C ALA C 139 -2.40 -11.83 -21.93
N ASN C 140 -1.93 -12.89 -21.27
CA ASN C 140 -2.54 -14.23 -21.37
C ASN C 140 -3.10 -14.74 -20.04
N CYS C 141 -4.22 -14.13 -19.64
CA CYS C 141 -4.88 -14.38 -18.35
C CYS C 141 -6.00 -15.41 -18.53
N ASP C 142 -6.08 -16.39 -17.64
CA ASP C 142 -6.94 -17.58 -17.82
C ASP C 142 -8.43 -17.26 -17.88
#